data_3TNF
#
_entry.id   3TNF
#
_cell.length_a   103.820
_cell.length_b   103.820
_cell.length_c   150.610
_cell.angle_alpha   90.00
_cell.angle_beta   90.00
_cell.angle_gamma   90.00
#
_symmetry.space_group_name_H-M   'P 43 21 2'
#
loop_
_entity.id
_entity.type
_entity.pdbx_description
1 polymer 'Ras-related protein Rab-8A'
2 polymer LidA
3 non-polymer 'MAGNESIUM ION'
4 non-polymer 'PHOSPHOAMINOPHOSPHONIC ACID-GUANYLATE ESTER'
5 non-polymer (4S)-2-METHYL-2,4-PENTANEDIOL
6 water water
#
loop_
_entity_poly.entity_id
_entity_poly.type
_entity_poly.pdbx_seq_one_letter_code
_entity_poly.pdbx_strand_id
1 'polypeptide(L)'
;GHMDYLFKLLLIGDSGVGKTCVLFRFSEDAFNSTFISTIGIDFKIRTIELDGKRIKLQIWDTAGQERFRTITTAYYRGAM
GIMLVYDITNEKSFDNIRNWIRNIEEHASADVEKMILGNKCDVNDKRQVSKERGEKLALDYGIKFMETSAKANINVENAF
FTLARDIKAKMDKK
;
A
2 'polypeptide(L)'
;GMLDEYEQAIKRAQENIKKGEELEKKLDKLERQGKDLEDKYKTYEENLEGFEKLLTDSEELSLSEINEKMEAFSKDSEKL
TQLMEKHKGDEKTVQSLQREHHDIKAKLANLQVLHDAHTGKKSYVNEKGNPVSSLKDAHLAINKDQEVVEHEGQFYLLQK
GQWDAIKNNPAALEKAQKDYSQSKHDLATIKMEALIHKLSLEMEKQLETINNLIMSTDPKENEEATKLLHKHNGLNLKLA
NLQDMLAVHRKEKSFFNEKGEEVTSLNDAHYVIGKDQQLFNLGGKFYPIHKEQKILEKDGKFYLLKQGEDWESIKDSPEK
QKKAEHDFHKLQYETPMTVKKLVHHNKGLETTIHKERVEETKQQLEDNGKEKIEIANNISKLQS
;
B
#
# COMPACT_ATOMS: atom_id res chain seq x y z
N ASP A 4 -3.67 -18.10 28.00
CA ASP A 4 -3.51 -16.95 27.10
C ASP A 4 -2.16 -16.94 26.39
N TYR A 5 -2.19 -17.05 25.06
CA TYR A 5 -1.06 -16.62 24.24
C TYR A 5 -1.45 -15.34 23.49
N LEU A 6 -0.51 -14.77 22.74
CA LEU A 6 -0.85 -13.64 21.88
C LEU A 6 0.02 -13.62 20.64
N PHE A 7 -0.60 -13.93 19.50
CA PHE A 7 0.13 -13.98 18.24
C PHE A 7 -0.17 -12.74 17.38
N LYS A 8 0.88 -12.22 16.76
CA LYS A 8 0.76 -11.12 15.82
C LYS A 8 0.83 -11.65 14.39
N LEU A 9 -0.23 -11.40 13.63
CA LEU A 9 -0.40 -11.89 12.27
C LEU A 9 -0.44 -10.75 11.25
N LEU A 10 0.25 -10.96 10.12
CA LEU A 10 0.38 -9.95 9.08
C LEU A 10 -0.21 -10.46 7.76
N LEU A 11 -1.06 -9.65 7.12
CA LEU A 11 -1.56 -9.98 5.79
C LEU A 11 -0.81 -9.15 4.75
N ILE A 12 -0.26 -9.81 3.73
CA ILE A 12 0.37 -9.06 2.65
C ILE A 12 -0.07 -9.59 1.30
N GLY A 13 0.24 -8.86 0.23
CA GLY A 13 -0.21 -9.21 -1.10
C GLY A 13 -0.60 -7.97 -1.91
N ASP A 14 -0.65 -8.14 -3.23
CA ASP A 14 -0.99 -7.06 -4.15
C ASP A 14 -2.28 -6.41 -3.76
N SER A 15 -2.45 -5.16 -4.20
CA SER A 15 -3.74 -4.49 -4.05
C SER A 15 -4.79 -5.31 -4.78
N GLY A 16 -5.99 -5.37 -4.20
CA GLY A 16 -7.11 -5.94 -4.91
C GLY A 16 -7.36 -7.41 -4.65
N VAL A 17 -6.40 -8.11 -4.02
CA VAL A 17 -6.49 -9.57 -3.88
C VAL A 17 -7.45 -9.99 -2.79
N GLY A 18 -7.74 -9.12 -1.84
CA GLY A 18 -8.77 -9.41 -0.84
C GLY A 18 -8.29 -9.44 0.62
N LYS A 19 -7.13 -8.86 0.89
CA LYS A 19 -6.61 -8.85 2.26
C LYS A 19 -7.59 -8.20 3.22
N THR A 20 -8.10 -7.02 2.88
CA THR A 20 -8.96 -6.37 3.87
C THR A 20 -10.18 -7.28 4.08
N CYS A 21 -10.59 -8.00 3.04
CA CYS A 21 -11.81 -8.78 3.13
C CYS A 21 -11.67 -10.09 3.93
N VAL A 22 -10.61 -10.88 3.71
CA VAL A 22 -10.48 -12.07 4.57
C VAL A 22 -10.33 -11.64 6.04
N LEU A 23 -9.61 -10.53 6.28
CA LEU A 23 -9.55 -9.99 7.63
C LEU A 23 -10.94 -9.74 8.20
N PHE A 24 -11.78 -9.05 7.44
CA PHE A 24 -13.11 -8.69 7.95
C PHE A 24 -14.07 -9.88 8.07
N ARG A 25 -13.83 -10.95 7.33
CA ARG A 25 -14.66 -12.15 7.42
C ARG A 25 -14.32 -12.91 8.69
N PHE A 26 -13.03 -13.07 8.94
CA PHE A 26 -12.57 -13.75 10.13
C PHE A 26 -12.93 -12.97 11.40
N SER A 27 -12.81 -11.64 11.34
CA SER A 27 -12.95 -10.87 12.57
C SER A 27 -14.38 -10.42 12.87
N GLU A 28 -15.18 -10.20 11.83
CA GLU A 28 -16.56 -9.72 12.04
C GLU A 28 -17.59 -10.55 11.30
N ASP A 29 -17.13 -11.59 10.60
CA ASP A 29 -18.04 -12.43 9.82
C ASP A 29 -18.94 -11.58 8.91
N ALA A 30 -18.31 -10.69 8.15
CA ALA A 30 -19.03 -9.80 7.25
C ALA A 30 -18.25 -9.69 5.94
N PHE A 31 -18.95 -9.49 4.84
CA PHE A 31 -18.31 -9.22 3.58
C PHE A 31 -18.98 -8.05 2.87
N ASN A 32 -18.15 -7.15 2.33
CA ASN A 32 -18.67 -6.06 1.50
C ASN A 32 -18.01 -6.02 0.12
N SER A 33 -18.84 -6.06 -0.92
CA SER A 33 -18.39 -6.02 -2.30
C SER A 33 -17.70 -4.69 -2.68
N THR A 34 -18.04 -3.61 -1.98
CA THR A 34 -17.53 -2.28 -2.27
C THR A 34 -16.02 -2.17 -2.00
N PHE A 35 -15.25 -1.89 -3.06
CA PHE A 35 -13.80 -1.72 -2.96
C PHE A 35 -13.40 -0.46 -2.22
N ILE A 36 -12.85 -0.63 -1.03
CA ILE A 36 -12.33 0.48 -0.25
C ILE A 36 -10.86 0.22 0.01
N SER A 37 -10.02 0.76 -0.88
CA SER A 37 -8.59 0.48 -0.85
C SER A 37 -7.94 0.93 0.44
N THR A 38 -6.95 0.17 0.86
CA THR A 38 -6.33 0.33 2.17
C THR A 38 -5.15 1.30 2.01
N ILE A 39 -5.04 2.24 2.95
CA ILE A 39 -4.14 3.38 2.88
C ILE A 39 -2.92 3.13 3.75
N GLY A 40 -3.10 2.30 4.78
CA GLY A 40 -2.03 1.89 5.65
C GLY A 40 -2.50 0.93 6.73
N ILE A 41 -1.58 0.50 7.58
CA ILE A 41 -1.84 -0.58 8.55
C ILE A 41 -3.02 -0.32 9.49
N ASP A 42 -3.60 -1.41 9.99
CA ASP A 42 -4.61 -1.38 11.04
C ASP A 42 -4.73 -2.82 11.51
N PHE A 43 -5.42 -3.05 12.62
CA PHE A 43 -5.47 -4.41 13.12
C PHE A 43 -6.89 -4.76 13.56
N LYS A 44 -7.17 -6.06 13.60
CA LYS A 44 -8.35 -6.59 14.27
C LYS A 44 -7.90 -7.63 15.30
N ILE A 45 -8.84 -8.02 16.17
CA ILE A 45 -8.54 -8.94 17.26
C ILE A 45 -9.54 -10.06 17.30
N ARG A 46 -9.04 -11.29 17.44
CA ARG A 46 -9.94 -12.43 17.62
C ARG A 46 -9.24 -13.44 18.50
N THR A 47 -9.96 -13.91 19.52
CA THR A 47 -9.42 -14.91 20.41
C THR A 47 -10.06 -16.24 20.07
N ILE A 48 -9.24 -17.20 19.69
CA ILE A 48 -9.73 -18.54 19.41
C ILE A 48 -9.30 -19.49 20.54
N GLU A 49 -9.67 -20.75 20.40
CA GLU A 49 -9.26 -21.75 21.39
C GLU A 49 -8.49 -22.89 20.73
N LEU A 50 -7.23 -23.05 21.16
CA LEU A 50 -6.42 -24.21 20.77
C LEU A 50 -5.87 -24.94 22.00
N ASP A 51 -6.10 -26.26 22.08
CA ASP A 51 -5.65 -27.09 23.20
C ASP A 51 -6.07 -26.54 24.57
N GLY A 52 -7.37 -26.29 24.70
CA GLY A 52 -7.92 -25.76 25.94
C GLY A 52 -7.37 -24.40 26.31
N LYS A 53 -6.44 -23.88 25.52
CA LYS A 53 -5.81 -22.61 25.82
C LYS A 53 -6.39 -21.46 24.98
N ARG A 54 -6.56 -20.30 25.61
CA ARG A 54 -6.87 -19.10 24.87
C ARG A 54 -5.72 -18.75 23.91
N ILE A 55 -6.06 -18.33 22.70
CA ILE A 55 -5.10 -17.70 21.80
C ILE A 55 -5.67 -16.40 21.25
N LYS A 56 -5.16 -15.26 21.72
CA LYS A 56 -5.55 -13.95 21.16
C LYS A 56 -4.79 -13.69 19.87
N LEU A 57 -5.54 -13.48 18.80
CA LEU A 57 -4.94 -13.18 17.50
C LEU A 57 -5.02 -11.69 17.20
N GLN A 58 -3.86 -11.06 17.10
CA GLN A 58 -3.74 -9.64 16.70
C GLN A 58 -3.33 -9.61 15.23
N ILE A 59 -4.27 -9.24 14.36
CA ILE A 59 -4.15 -9.45 12.92
C ILE A 59 -4.05 -8.14 12.17
N TRP A 60 -2.96 -7.98 11.41
CA TRP A 60 -2.63 -6.69 10.80
C TRP A 60 -2.83 -6.68 9.28
N ASP A 61 -3.62 -5.70 8.83
CA ASP A 61 -3.87 -5.47 7.41
C ASP A 61 -2.82 -4.47 6.88
N THR A 62 -2.45 -4.61 5.62
CA THR A 62 -1.50 -3.71 4.99
C THR A 62 -2.05 -3.20 3.64
N ALA A 63 -1.40 -2.15 3.14
CA ALA A 63 -1.74 -1.53 1.86
C ALA A 63 -1.06 -2.26 0.72
N GLY A 64 -1.85 -2.66 -0.27
CA GLY A 64 -1.32 -3.39 -1.42
C GLY A 64 -0.67 -2.50 -2.48
N GLN A 65 -1.26 -1.32 -2.71
CA GLN A 65 -0.69 -0.39 -3.71
C GLN A 65 0.76 -0.06 -3.43
N GLU A 66 1.56 -0.09 -4.48
CA GLU A 66 3.00 0.17 -4.35
C GLU A 66 3.32 1.49 -3.61
N ARG A 67 2.69 2.58 -4.02
CA ARG A 67 2.97 3.86 -3.41
C ARG A 67 2.67 3.89 -1.91
N PHE A 68 1.94 2.88 -1.39
CA PHE A 68 1.61 2.85 0.04
C PHE A 68 2.44 1.86 0.82
N ARG A 69 3.48 1.31 0.21
CA ARG A 69 4.19 0.26 0.93
C ARG A 69 5.66 0.57 1.12
N THR A 70 5.96 1.86 1.19
CA THR A 70 7.36 2.29 1.34
C THR A 70 8.05 1.63 2.54
N ILE A 71 7.35 1.51 3.67
CA ILE A 71 7.99 0.96 4.86
C ILE A 71 7.44 -0.37 5.27
N THR A 72 6.86 -1.11 4.33
CA THR A 72 6.19 -2.38 4.68
C THR A 72 7.13 -3.41 5.34
N THR A 73 8.39 -3.44 4.91
CA THR A 73 9.38 -4.33 5.54
C THR A 73 9.52 -4.10 7.06
N ALA A 74 9.25 -2.88 7.50
CA ALA A 74 9.34 -2.53 8.92
C ALA A 74 8.22 -3.18 9.72
N TYR A 75 7.15 -3.56 9.02
CA TYR A 75 6.04 -4.23 9.69
C TYR A 75 6.34 -5.72 9.90
N TYR A 76 7.35 -6.23 9.20
CA TYR A 76 7.68 -7.66 9.33
C TYR A 76 8.13 -7.95 10.75
N ARG A 77 8.77 -6.96 11.39
CA ARG A 77 9.26 -7.12 12.76
C ARG A 77 8.17 -7.58 13.70
N GLY A 78 8.42 -8.69 14.38
CA GLY A 78 7.50 -9.14 15.41
C GLY A 78 6.17 -9.63 14.87
N ALA A 79 6.11 -9.86 13.56
CA ALA A 79 5.05 -10.72 13.01
C ALA A 79 5.44 -12.18 13.29
N MET A 80 4.53 -12.94 13.87
CA MET A 80 4.77 -14.37 14.11
C MET A 80 4.36 -15.21 12.91
N GLY A 81 3.27 -14.79 12.26
CA GLY A 81 2.85 -15.38 11.02
C GLY A 81 2.48 -14.34 9.99
N ILE A 82 2.62 -14.75 8.73
CA ILE A 82 2.28 -13.95 7.58
C ILE A 82 1.44 -14.76 6.57
N MET A 83 0.20 -14.33 6.35
CA MET A 83 -0.61 -14.80 5.21
C MET A 83 -0.22 -14.06 3.93
N LEU A 84 0.35 -14.76 2.96
CA LEU A 84 0.55 -14.19 1.64
C LEU A 84 -0.68 -14.42 0.74
N VAL A 85 -1.38 -13.34 0.39
CA VAL A 85 -2.61 -13.46 -0.37
C VAL A 85 -2.45 -13.13 -1.86
N TYR A 86 -3.07 -13.94 -2.72
CA TYR A 86 -3.28 -13.56 -4.13
C TYR A 86 -4.72 -13.83 -4.58
N ASP A 87 -5.00 -13.50 -5.84
CA ASP A 87 -6.34 -13.58 -6.39
C ASP A 87 -6.34 -14.63 -7.51
N ILE A 88 -7.15 -15.67 -7.36
CA ILE A 88 -7.08 -16.80 -8.32
C ILE A 88 -7.51 -16.35 -9.72
N THR A 89 -8.30 -15.29 -9.78
CA THR A 89 -8.68 -14.66 -11.02
C THR A 89 -7.69 -13.59 -11.50
N ASN A 90 -6.45 -13.62 -11.02
CA ASN A 90 -5.44 -12.63 -11.45
C ASN A 90 -4.03 -13.19 -11.38
N GLU A 91 -3.53 -13.62 -12.52
CA GLU A 91 -2.24 -14.31 -12.57
C GLU A 91 -1.08 -13.45 -12.07
N LYS A 92 -1.10 -12.17 -12.39
CA LYS A 92 -0.02 -11.28 -11.97
C LYS A 92 0.08 -11.30 -10.45
N SER A 93 -1.07 -11.15 -9.80
CA SER A 93 -1.13 -11.17 -8.33
C SER A 93 -0.52 -12.47 -7.79
N PHE A 94 -0.58 -13.53 -8.58
CA PHE A 94 -0.01 -14.83 -8.20
C PHE A 94 1.49 -14.87 -8.49
N ASP A 95 1.89 -14.41 -9.68
CA ASP A 95 3.30 -14.35 -9.98
C ASP A 95 4.04 -13.57 -8.89
N ASN A 96 3.48 -12.41 -8.53
CA ASN A 96 4.12 -11.51 -7.54
C ASN A 96 4.35 -12.14 -6.16
N ILE A 97 3.66 -13.23 -5.87
CA ILE A 97 3.92 -13.94 -4.61
C ILE A 97 5.40 -14.29 -4.48
N ARG A 98 6.02 -14.72 -5.58
CA ARG A 98 7.48 -14.95 -5.58
C ARG A 98 8.26 -13.80 -4.93
N ASN A 99 7.98 -12.58 -5.37
CA ASN A 99 8.64 -11.38 -4.84
C ASN A 99 8.29 -11.10 -3.38
N TRP A 100 7.01 -11.21 -3.07
CA TRP A 100 6.59 -11.07 -1.69
C TRP A 100 7.41 -12.02 -0.81
N ILE A 101 7.45 -13.29 -1.20
CA ILE A 101 8.19 -14.32 -0.46
C ILE A 101 9.65 -13.95 -0.25
N ARG A 102 10.32 -13.58 -1.33
CA ARG A 102 11.72 -13.18 -1.28
C ARG A 102 11.93 -12.01 -0.32
N ASN A 103 11.10 -10.99 -0.49
CA ASN A 103 11.13 -9.79 0.34
C ASN A 103 11.03 -10.13 1.82
N ILE A 104 10.26 -11.17 2.12
CA ILE A 104 10.10 -11.62 3.49
C ILE A 104 11.34 -12.35 4.01
N GLU A 105 11.91 -13.20 3.15
CA GLU A 105 13.12 -13.95 3.50
C GLU A 105 14.25 -12.97 3.85
N GLU A 106 14.34 -11.89 3.08
CA GLU A 106 15.36 -10.86 3.29
C GLU A 106 15.09 -9.91 4.47
N HIS A 107 13.85 -9.82 4.92
CA HIS A 107 13.52 -8.74 5.87
C HIS A 107 12.75 -9.16 7.10
N ALA A 108 12.16 -10.35 7.05
CA ALA A 108 11.48 -10.91 8.20
C ALA A 108 12.33 -12.04 8.77
N SER A 109 12.20 -12.31 10.06
CA SER A 109 12.93 -13.42 10.67
C SER A 109 12.72 -14.71 9.87
N ALA A 110 13.76 -15.53 9.77
CA ALA A 110 13.63 -16.79 9.04
C ALA A 110 12.65 -17.71 9.76
N ASP A 111 12.30 -17.30 10.97
CA ASP A 111 11.51 -18.13 11.85
C ASP A 111 10.00 -17.98 11.62
N VAL A 112 9.60 -16.89 10.97
CA VAL A 112 8.17 -16.60 10.78
C VAL A 112 7.43 -17.70 10.03
N GLU A 113 6.21 -17.97 10.50
CA GLU A 113 5.34 -18.94 9.86
C GLU A 113 4.62 -18.30 8.67
N LYS A 114 4.56 -19.01 7.56
CA LYS A 114 4.03 -18.44 6.32
C LYS A 114 2.97 -19.36 5.68
N MET A 115 1.76 -18.85 5.48
CA MET A 115 0.74 -19.54 4.72
C MET A 115 0.41 -18.78 3.42
N ILE A 116 0.12 -19.51 2.34
CA ILE A 116 -0.31 -18.89 1.09
C ILE A 116 -1.79 -19.09 0.87
N LEU A 117 -2.50 -18.04 0.46
CA LEU A 117 -3.92 -18.13 0.24
C LEU A 117 -4.26 -17.63 -1.15
N GLY A 118 -4.90 -18.50 -1.94
CA GLY A 118 -5.46 -18.10 -3.21
C GLY A 118 -6.89 -17.71 -2.95
N ASN A 119 -7.13 -16.40 -2.88
CA ASN A 119 -8.44 -15.92 -2.52
C ASN A 119 -9.34 -15.76 -3.74
N LYS A 120 -10.61 -15.47 -3.46
CA LYS A 120 -11.68 -15.41 -4.46
C LYS A 120 -11.92 -16.76 -5.20
N CYS A 121 -11.82 -17.90 -4.49
CA CYS A 121 -12.05 -19.20 -5.13
C CYS A 121 -13.52 -19.41 -5.52
N ASP A 122 -14.37 -18.45 -5.19
CA ASP A 122 -15.78 -18.50 -5.52
C ASP A 122 -16.04 -17.90 -6.89
N VAL A 123 -14.97 -17.69 -7.65
CA VAL A 123 -15.10 -17.04 -8.95
C VAL A 123 -14.40 -17.90 -9.97
N ASN A 124 -14.87 -19.14 -10.09
CA ASN A 124 -14.32 -20.06 -11.08
C ASN A 124 -14.62 -19.59 -12.49
N ASP A 125 -15.69 -18.80 -12.62
CA ASP A 125 -16.09 -18.28 -13.93
C ASP A 125 -15.12 -17.22 -14.45
N LYS A 126 -14.09 -16.91 -13.65
CA LYS A 126 -13.09 -15.91 -14.03
C LYS A 126 -11.69 -16.29 -13.59
N ARG A 127 -11.52 -17.57 -13.28
CA ARG A 127 -10.25 -18.08 -12.78
C ARG A 127 -9.14 -17.93 -13.82
N GLN A 128 -7.91 -17.68 -13.33
CA GLN A 128 -6.74 -17.56 -14.20
C GLN A 128 -5.59 -18.38 -13.62
N VAL A 129 -5.70 -18.76 -12.35
CA VAL A 129 -4.66 -19.58 -11.70
C VAL A 129 -5.24 -20.92 -11.26
N SER A 130 -4.62 -22.02 -11.69
CA SER A 130 -5.10 -23.33 -11.28
C SER A 130 -4.73 -23.60 -9.83
N LYS A 131 -5.65 -24.22 -9.10
CA LYS A 131 -5.37 -24.64 -7.73
C LYS A 131 -4.09 -25.48 -7.61
N GLU A 132 -3.70 -26.18 -8.68
CA GLU A 132 -2.48 -26.99 -8.63
C GLU A 132 -1.21 -26.15 -8.73
N ARG A 133 -1.23 -25.15 -9.61
CA ARG A 133 -0.13 -24.16 -9.62
C ARG A 133 0.08 -23.60 -8.21
N GLY A 134 -1.03 -23.24 -7.55
CA GLY A 134 -1.01 -22.88 -6.15
C GLY A 134 -0.18 -23.80 -5.29
N GLU A 135 -0.60 -25.07 -5.17
CA GLU A 135 0.06 -26.00 -4.23
C GLU A 135 1.48 -26.36 -4.65
N LYS A 136 1.71 -26.33 -5.96
CA LYS A 136 3.05 -26.52 -6.52
C LYS A 136 3.99 -25.45 -5.96
N LEU A 137 3.60 -24.21 -6.19
CA LEU A 137 4.34 -23.07 -5.65
C LEU A 137 4.58 -23.24 -4.15
N ALA A 138 3.53 -23.50 -3.39
CA ALA A 138 3.66 -23.61 -1.93
C ALA A 138 4.64 -24.71 -1.52
N LEU A 139 4.70 -25.74 -2.35
CA LEU A 139 5.56 -26.89 -2.06
C LEU A 139 7.00 -26.58 -2.44
N ASP A 140 7.19 -25.93 -3.59
CA ASP A 140 8.52 -25.41 -3.90
C ASP A 140 9.12 -24.64 -2.71
N TYR A 141 8.29 -23.83 -2.05
CA TYR A 141 8.79 -23.00 -0.93
C TYR A 141 8.60 -23.63 0.45
N GLY A 142 7.87 -24.74 0.51
CA GLY A 142 7.73 -25.47 1.75
C GLY A 142 6.77 -24.85 2.74
N ILE A 143 5.75 -24.16 2.21
CA ILE A 143 4.78 -23.48 3.07
C ILE A 143 3.37 -23.96 2.80
N LYS A 144 2.58 -24.04 3.87
CA LYS A 144 1.20 -24.49 3.70
C LYS A 144 0.46 -23.58 2.73
N PHE A 145 -0.60 -24.11 2.15
CA PHE A 145 -1.34 -23.45 1.09
C PHE A 145 -2.82 -23.74 1.25
N MET A 146 -3.68 -22.97 0.59
CA MET A 146 -5.12 -23.14 0.74
C MET A 146 -5.81 -22.12 -0.15
N GLU A 147 -6.93 -22.53 -0.76
CA GLU A 147 -7.79 -21.60 -1.50
C GLU A 147 -8.88 -21.10 -0.58
N THR A 148 -9.13 -19.80 -0.63
CA THR A 148 -10.13 -19.19 0.25
C THR A 148 -11.08 -18.34 -0.56
N SER A 149 -12.21 -18.02 0.07
CA SER A 149 -13.12 -17.00 -0.43
C SER A 149 -13.58 -16.25 0.80
N ALA A 150 -13.47 -14.92 0.77
CA ALA A 150 -13.93 -14.11 1.89
C ALA A 150 -15.39 -13.88 1.71
N LYS A 151 -15.82 -13.94 0.46
CA LYS A 151 -17.23 -13.77 0.13
C LYS A 151 -18.01 -14.98 0.64
N ALA A 152 -17.67 -16.17 0.14
CA ALA A 152 -18.40 -17.36 0.55
C ALA A 152 -18.00 -17.91 1.92
N ASN A 153 -17.02 -17.27 2.58
CA ASN A 153 -16.52 -17.78 3.87
C ASN A 153 -15.97 -19.21 3.75
N ILE A 154 -15.19 -19.43 2.70
CA ILE A 154 -14.57 -20.72 2.48
C ILE A 154 -13.12 -20.66 2.94
N ASN A 155 -12.78 -21.56 3.86
CA ASN A 155 -11.41 -21.75 4.35
C ASN A 155 -10.76 -20.60 5.13
N VAL A 156 -11.57 -19.63 5.54
CA VAL A 156 -11.02 -18.47 6.24
C VAL A 156 -10.71 -18.79 7.69
N GLU A 157 -11.68 -19.33 8.43
CA GLU A 157 -11.40 -19.88 9.77
C GLU A 157 -10.26 -20.89 9.69
N ASN A 158 -10.41 -21.82 8.76
CA ASN A 158 -9.40 -22.81 8.45
C ASN A 158 -7.99 -22.25 8.42
N ALA A 159 -7.77 -21.33 7.47
CA ALA A 159 -6.46 -20.71 7.28
C ALA A 159 -5.87 -20.16 8.58
N PHE A 160 -6.67 -19.41 9.34
CA PHE A 160 -6.15 -18.76 10.55
C PHE A 160 -5.88 -19.73 11.68
N PHE A 161 -6.81 -20.66 11.91
CA PHE A 161 -6.59 -21.75 12.87
C PHE A 161 -5.33 -22.53 12.58
N THR A 162 -5.16 -22.94 11.32
CA THR A 162 -3.97 -23.69 10.92
C THR A 162 -2.70 -22.90 11.23
N LEU A 163 -2.69 -21.63 10.83
CA LEU A 163 -1.48 -20.82 10.99
C LEU A 163 -1.17 -20.63 12.47
N ALA A 164 -2.21 -20.36 13.25
CA ALA A 164 -2.08 -20.29 14.71
C ALA A 164 -1.49 -21.60 15.25
N ARG A 165 -2.07 -22.73 14.85
CA ARG A 165 -1.56 -24.04 15.23
C ARG A 165 -0.06 -24.12 15.07
N ASP A 166 0.42 -23.82 13.86
CA ASP A 166 1.83 -23.99 13.54
C ASP A 166 2.75 -23.05 14.34
N ILE A 167 2.16 -22.03 14.94
CA ILE A 167 2.91 -21.09 15.78
C ILE A 167 2.93 -21.59 17.21
N LYS A 168 1.75 -21.92 17.73
CA LYS A 168 1.61 -22.56 19.03
C LYS A 168 2.52 -23.80 19.10
N ALA A 169 2.51 -24.58 18.03
CA ALA A 169 3.43 -25.70 17.92
C ALA A 169 4.86 -25.26 18.24
N LYS A 170 5.45 -24.51 17.31
CA LYS A 170 6.84 -24.08 17.43
C LYS A 170 7.14 -23.35 18.73
N MET A 171 6.11 -22.73 19.32
CA MET A 171 6.26 -21.92 20.53
C MET A 171 6.21 -22.76 21.81
N ASP A 172 5.35 -23.78 21.80
CA ASP A 172 5.24 -24.72 22.91
C ASP A 172 6.56 -25.44 23.18
N LYS A 173 7.45 -25.44 22.19
CA LYS A 173 8.63 -26.30 22.20
C LYS A 173 9.87 -25.55 21.76
N LEU B 3 -42.23 -29.69 28.77
CA LEU B 3 -41.93 -30.84 27.91
C LEU B 3 -40.55 -30.71 27.26
N ASP B 4 -40.31 -31.61 26.30
CA ASP B 4 -39.43 -31.37 25.17
C ASP B 4 -39.56 -29.91 24.72
N GLU B 5 -40.81 -29.47 24.54
CA GLU B 5 -41.16 -28.11 24.09
C GLU B 5 -40.66 -27.01 25.04
N TYR B 6 -40.74 -27.26 26.34
CA TYR B 6 -40.25 -26.31 27.34
C TYR B 6 -38.75 -26.09 27.21
N GLU B 7 -38.01 -27.19 27.02
CA GLU B 7 -36.58 -27.16 26.72
C GLU B 7 -36.31 -26.37 25.43
N GLN B 8 -37.08 -26.64 24.38
CA GLN B 8 -36.93 -25.96 23.08
C GLN B 8 -37.53 -24.55 23.06
N ALA B 9 -38.17 -24.13 24.16
CA ALA B 9 -38.73 -22.78 24.28
C ALA B 9 -37.85 -21.86 25.14
N ILE B 10 -37.35 -22.40 26.26
CA ILE B 10 -36.38 -21.68 27.09
C ILE B 10 -35.10 -21.40 26.29
N LYS B 11 -34.68 -22.40 25.51
CA LYS B 11 -33.53 -22.27 24.63
C LYS B 11 -33.88 -21.53 23.34
N ARG B 12 -35.17 -21.23 23.16
CA ARG B 12 -35.63 -20.38 22.07
C ARG B 12 -35.72 -18.92 22.53
N ALA B 13 -35.30 -18.68 23.78
CA ALA B 13 -35.15 -17.33 24.33
C ALA B 13 -33.71 -17.15 24.83
N GLN B 14 -33.02 -18.26 25.07
CA GLN B 14 -31.58 -18.26 25.31
C GLN B 14 -30.92 -17.74 24.03
N GLU B 15 -31.53 -18.12 22.91
CA GLU B 15 -31.16 -17.64 21.58
C GLU B 15 -31.33 -16.12 21.47
N ASN B 16 -32.51 -15.65 21.88
CA ASN B 16 -32.90 -14.25 21.74
C ASN B 16 -32.15 -13.23 22.62
N ILE B 17 -31.66 -13.68 23.77
CA ILE B 17 -30.86 -12.80 24.63
C ILE B 17 -29.37 -12.92 24.30
N LYS B 18 -29.03 -13.88 23.43
CA LYS B 18 -27.72 -13.93 22.79
C LYS B 18 -27.64 -12.84 21.72
N LYS B 19 -28.80 -12.48 21.18
CA LYS B 19 -28.90 -11.49 20.10
C LYS B 19 -29.41 -10.14 20.60
N GLY B 20 -29.79 -10.07 21.88
CA GLY B 20 -30.11 -8.80 22.49
C GLY B 20 -28.82 -8.10 22.90
N GLU B 21 -27.74 -8.88 22.88
CA GLU B 21 -26.47 -8.49 23.49
C GLU B 21 -25.31 -8.33 22.51
N GLU B 22 -25.23 -9.20 21.51
CA GLU B 22 -24.17 -9.08 20.50
C GLU B 22 -24.61 -8.05 19.45
N LEU B 23 -25.87 -7.67 19.52
CA LEU B 23 -26.44 -6.62 18.66
C LEU B 23 -26.36 -5.24 19.33
N GLU B 24 -26.75 -5.17 20.60
CA GLU B 24 -26.59 -3.93 21.38
C GLU B 24 -25.10 -3.64 21.59
N LYS B 25 -24.26 -4.64 21.34
CA LYS B 25 -22.82 -4.45 21.24
C LYS B 25 -22.50 -3.52 20.07
N LYS B 26 -23.01 -3.89 18.90
CA LYS B 26 -22.76 -3.16 17.67
C LYS B 26 -23.38 -1.76 17.61
N LEU B 27 -24.40 -1.50 18.42
CA LEU B 27 -25.17 -0.26 18.28
C LEU B 27 -24.66 0.93 19.07
N ASP B 28 -23.66 0.70 19.91
CA ASP B 28 -22.90 1.80 20.48
C ASP B 28 -21.45 1.70 20.00
N LYS B 29 -21.04 0.48 19.65
CA LYS B 29 -19.74 0.22 19.05
C LYS B 29 -19.67 0.82 17.63
N LEU B 30 -20.78 1.36 17.16
CA LEU B 30 -20.82 2.03 15.87
C LEU B 30 -20.83 3.53 16.09
N GLU B 31 -21.58 3.99 17.10
CA GLU B 31 -21.43 5.37 17.57
C GLU B 31 -19.93 5.56 17.79
N ARG B 32 -19.32 4.49 18.30
CA ARG B 32 -17.88 4.42 18.45
C ARG B 32 -17.19 4.68 17.12
N GLN B 33 -17.21 3.65 16.27
CA GLN B 33 -16.46 3.62 15.01
C GLN B 33 -16.62 4.82 14.08
N GLY B 34 -17.72 5.56 14.22
CA GLY B 34 -17.98 6.72 13.38
C GLY B 34 -17.21 7.94 13.84
N LYS B 35 -16.96 8.02 15.14
CA LYS B 35 -16.09 9.04 15.72
C LYS B 35 -14.63 8.73 15.36
N ASP B 36 -14.29 7.44 15.40
CA ASP B 36 -13.05 6.92 14.85
C ASP B 36 -12.92 7.33 13.38
N LEU B 37 -13.98 7.10 12.60
CA LEU B 37 -14.02 7.45 11.19
C LEU B 37 -13.81 8.96 11.02
N GLU B 38 -14.43 9.71 11.93
CA GLU B 38 -14.35 11.15 11.92
C GLU B 38 -12.90 11.63 12.17
N ASP B 39 -12.25 11.04 13.18
CA ASP B 39 -10.90 11.43 13.55
C ASP B 39 -9.94 10.99 12.47
N LYS B 40 -10.21 9.81 11.89
CA LYS B 40 -9.36 9.26 10.86
C LYS B 40 -9.26 10.19 9.64
N TYR B 41 -10.41 10.58 9.10
CA TYR B 41 -10.39 11.46 7.94
C TYR B 41 -9.91 12.89 8.23
N LYS B 42 -10.11 13.33 9.46
CA LYS B 42 -9.60 14.61 9.90
C LYS B 42 -8.08 14.57 9.94
N THR B 43 -7.50 13.54 10.55
CA THR B 43 -6.05 13.36 10.55
C THR B 43 -5.52 13.24 9.12
N TYR B 44 -6.27 12.55 8.27
CA TYR B 44 -5.84 12.36 6.89
C TYR B 44 -5.76 13.71 6.17
N GLU B 45 -6.87 14.45 6.25
CA GLU B 45 -6.97 15.75 5.58
C GLU B 45 -5.95 16.79 6.08
N GLU B 46 -5.71 16.84 7.38
CA GLU B 46 -4.62 17.64 7.91
C GLU B 46 -3.31 17.34 7.18
N ASN B 47 -2.90 16.08 7.18
CA ASN B 47 -1.68 15.68 6.48
C ASN B 47 -1.68 16.07 5.00
N LEU B 48 -2.80 15.85 4.33
CA LEU B 48 -2.89 16.20 2.91
C LEU B 48 -2.80 17.72 2.69
N GLU B 49 -3.50 18.50 3.50
CA GLU B 49 -3.47 19.96 3.39
C GLU B 49 -2.07 20.46 3.76
N GLY B 50 -1.46 19.81 4.76
CA GLY B 50 -0.15 20.21 5.25
C GLY B 50 1.02 19.79 4.35
N PHE B 51 0.70 19.11 3.25
CA PHE B 51 1.74 18.53 2.41
C PHE B 51 2.66 19.56 1.72
N GLU B 52 2.07 20.44 0.92
CA GLU B 52 2.85 21.47 0.22
C GLU B 52 3.72 22.25 1.20
N LYS B 53 3.14 22.56 2.36
CA LYS B 53 3.80 23.29 3.42
C LYS B 53 4.78 22.42 4.21
N LEU B 54 5.23 21.34 3.58
CA LEU B 54 6.15 20.39 4.22
C LEU B 54 7.29 20.04 3.27
N LEU B 55 7.02 20.14 1.97
CA LEU B 55 8.07 20.08 0.94
C LEU B 55 9.12 21.18 1.16
N THR B 56 8.68 22.31 1.72
CA THR B 56 9.55 23.45 1.98
C THR B 56 10.00 23.56 3.45
N ASP B 57 9.14 23.22 4.41
CA ASP B 57 9.47 23.51 5.80
C ASP B 57 9.87 22.31 6.65
N SER B 58 10.06 21.16 6.02
CA SER B 58 10.47 19.97 6.78
C SER B 58 11.89 20.14 7.34
N GLU B 59 12.11 19.62 8.53
CA GLU B 59 13.46 19.53 9.08
C GLU B 59 14.29 18.54 8.23
N GLU B 60 15.56 18.89 8.00
CA GLU B 60 16.46 18.08 7.17
C GLU B 60 16.88 16.79 7.86
N LEU B 61 17.46 15.89 7.08
CA LEU B 61 18.14 14.73 7.64
C LEU B 61 19.42 15.19 8.35
N SER B 62 19.59 14.75 9.59
CA SER B 62 20.84 14.97 10.30
C SER B 62 21.96 14.18 9.61
N LEU B 63 23.20 14.61 9.81
CA LEU B 63 24.35 13.83 9.36
C LEU B 63 24.30 12.39 9.87
N SER B 64 23.84 12.21 11.10
CA SER B 64 23.73 10.87 11.70
C SER B 64 22.76 9.99 10.89
N GLU B 65 21.61 10.59 10.56
CA GLU B 65 20.58 9.88 9.83
C GLU B 65 21.07 9.55 8.43
N ILE B 66 21.78 10.50 7.83
CA ILE B 66 22.36 10.27 6.51
C ILE B 66 23.29 9.06 6.52
N ASN B 67 24.24 9.04 7.46
CA ASN B 67 25.20 7.94 7.53
C ASN B 67 24.51 6.60 7.78
N GLU B 68 23.54 6.63 8.70
CA GLU B 68 22.80 5.44 9.05
C GLU B 68 22.02 4.85 7.86
N LYS B 69 21.41 5.71 7.04
CA LYS B 69 20.68 5.24 5.88
C LYS B 69 21.64 4.78 4.77
N MET B 70 22.82 5.39 4.71
CA MET B 70 23.83 4.93 3.74
C MET B 70 24.38 3.55 4.15
N GLU B 71 24.56 3.34 5.45
CA GLU B 71 25.00 2.06 5.98
C GLU B 71 24.00 0.97 5.62
N ALA B 72 22.71 1.25 5.80
CA ALA B 72 21.66 0.29 5.49
C ALA B 72 21.62 -0.08 4.00
N PHE B 73 21.77 0.91 3.13
CA PHE B 73 21.78 0.69 1.71
C PHE B 73 22.97 -0.17 1.30
N SER B 74 24.12 0.09 1.91
CA SER B 74 25.32 -0.68 1.62
C SER B 74 25.16 -2.17 1.99
N LYS B 75 24.54 -2.43 3.13
CA LYS B 75 24.26 -3.80 3.56
C LYS B 75 23.17 -4.41 2.70
N ASP B 76 22.67 -3.62 1.76
CA ASP B 76 21.71 -4.13 0.79
C ASP B 76 22.41 -4.36 -0.53
N SER B 77 23.39 -3.52 -0.84
CA SER B 77 24.19 -3.71 -2.03
C SER B 77 25.09 -4.93 -1.87
N GLU B 78 25.61 -5.13 -0.66
CA GLU B 78 26.37 -6.32 -0.33
C GLU B 78 25.50 -7.57 -0.55
N LYS B 79 24.36 -7.64 0.15
CA LYS B 79 23.49 -8.81 0.05
C LYS B 79 22.96 -9.02 -1.36
N LEU B 80 23.07 -8.00 -2.20
CA LEU B 80 22.55 -8.08 -3.55
C LEU B 80 23.52 -8.85 -4.43
N THR B 81 24.80 -8.59 -4.22
CA THR B 81 25.86 -9.22 -4.99
C THR B 81 25.96 -10.71 -4.63
N GLN B 82 25.76 -11.01 -3.35
CA GLN B 82 25.71 -12.39 -2.87
C GLN B 82 24.67 -13.21 -3.62
N LEU B 83 23.52 -12.59 -3.88
CA LEU B 83 22.47 -13.23 -4.66
C LEU B 83 22.87 -13.26 -6.12
N MET B 84 23.53 -12.19 -6.58
CA MET B 84 23.95 -12.13 -7.97
C MET B 84 24.94 -13.25 -8.27
N GLU B 85 25.75 -13.59 -7.28
CA GLU B 85 26.74 -14.63 -7.46
C GLU B 85 26.30 -15.98 -6.90
N LYS B 86 25.05 -16.04 -6.44
CA LYS B 86 24.41 -17.31 -6.10
C LYS B 86 23.71 -17.83 -7.36
N HIS B 87 23.04 -16.93 -8.07
CA HIS B 87 22.39 -17.28 -9.32
C HIS B 87 23.27 -16.92 -10.51
N LYS B 88 24.58 -17.00 -10.35
CA LYS B 88 25.47 -16.80 -11.49
C LYS B 88 25.11 -17.76 -12.63
N GLY B 89 24.97 -17.24 -13.84
CA GLY B 89 24.57 -18.05 -14.98
C GLY B 89 23.12 -17.88 -15.39
N ASP B 90 22.23 -17.77 -14.40
CA ASP B 90 20.82 -17.43 -14.65
C ASP B 90 20.72 -15.93 -15.04
N GLU B 91 21.08 -15.63 -16.29
CA GLU B 91 21.20 -14.24 -16.72
C GLU B 91 19.98 -13.35 -16.44
N LYS B 92 18.78 -13.90 -16.62
CA LYS B 92 17.56 -13.09 -16.49
C LYS B 92 17.20 -12.69 -15.04
N THR B 93 17.84 -13.31 -14.04
CA THR B 93 17.67 -12.84 -12.67
C THR B 93 18.89 -12.01 -12.25
N VAL B 94 20.08 -12.44 -12.68
CA VAL B 94 21.27 -11.62 -12.54
C VAL B 94 21.06 -10.21 -13.10
N GLN B 95 20.38 -10.13 -14.23
CA GLN B 95 19.97 -8.85 -14.79
C GLN B 95 18.97 -8.14 -13.88
N SER B 96 18.00 -8.88 -13.35
CA SER B 96 17.05 -8.32 -12.40
C SER B 96 17.75 -7.70 -11.18
N LEU B 97 18.74 -8.40 -10.63
CA LEU B 97 19.46 -7.94 -9.45
C LEU B 97 20.44 -6.82 -9.76
N GLN B 98 20.92 -6.78 -11.00
CA GLN B 98 21.79 -5.69 -11.41
C GLN B 98 21.01 -4.39 -11.43
N ARG B 99 19.75 -4.48 -11.84
CA ARG B 99 18.84 -3.34 -11.86
C ARG B 99 18.60 -2.86 -10.44
N GLU B 100 18.34 -3.79 -9.54
CA GLU B 100 18.06 -3.45 -8.15
C GLU B 100 19.32 -2.85 -7.51
N HIS B 101 20.47 -3.39 -7.89
CA HIS B 101 21.75 -2.88 -7.38
C HIS B 101 22.07 -1.47 -7.91
N HIS B 102 21.72 -1.21 -9.17
CA HIS B 102 21.99 0.10 -9.78
C HIS B 102 21.17 1.21 -9.11
N ASP B 103 19.89 0.92 -8.85
CA ASP B 103 19.02 1.86 -8.17
C ASP B 103 19.57 2.24 -6.78
N ILE B 104 19.90 1.24 -5.97
CA ILE B 104 20.51 1.48 -4.66
C ILE B 104 21.74 2.39 -4.84
N LYS B 105 22.62 2.01 -5.76
CA LYS B 105 23.82 2.79 -6.05
C LYS B 105 23.49 4.30 -6.25
N ALA B 106 22.38 4.54 -6.94
CA ALA B 106 21.99 5.91 -7.28
C ALA B 106 21.33 6.58 -6.06
N LYS B 107 20.63 5.78 -5.27
CA LYS B 107 20.09 6.25 -4.02
C LYS B 107 21.23 6.78 -3.15
N LEU B 108 22.33 6.01 -3.12
CA LEU B 108 23.54 6.36 -2.36
C LEU B 108 24.27 7.60 -2.86
N ALA B 109 24.29 7.77 -4.18
CA ALA B 109 24.99 8.93 -4.76
C ALA B 109 24.25 10.19 -4.33
N ASN B 110 22.94 10.05 -4.15
CA ASN B 110 22.11 11.15 -3.70
C ASN B 110 22.34 11.50 -2.23
N LEU B 111 22.39 10.47 -1.38
CA LEU B 111 22.67 10.69 0.03
C LEU B 111 24.07 11.30 0.19
N GLN B 112 25.01 10.86 -0.65
CA GLN B 112 26.39 11.38 -0.60
C GLN B 112 26.46 12.88 -0.88
N VAL B 113 25.64 13.35 -1.80
CA VAL B 113 25.50 14.79 -2.00
C VAL B 113 25.09 15.48 -0.67
N LEU B 114 24.08 14.95 0.01
CA LEU B 114 23.68 15.47 1.31
C LEU B 114 24.83 15.45 2.31
N HIS B 115 25.60 14.36 2.28
CA HIS B 115 26.74 14.16 3.16
C HIS B 115 27.82 15.17 2.81
N ASP B 116 28.15 15.24 1.52
CA ASP B 116 29.12 16.19 1.04
C ASP B 116 28.77 17.63 1.41
N ALA B 117 27.49 17.93 1.59
CA ALA B 117 27.13 19.32 1.94
C ALA B 117 27.31 19.62 3.42
N HIS B 118 27.32 18.58 4.26
CA HIS B 118 27.60 18.74 5.69
C HIS B 118 29.09 18.80 5.92
N THR B 119 29.85 18.54 4.86
CA THR B 119 31.30 18.54 4.94
C THR B 119 31.92 19.44 3.87
N GLY B 120 31.03 20.12 3.15
CA GLY B 120 31.25 20.62 1.80
C GLY B 120 32.64 20.99 1.33
N LYS B 121 33.37 20.12 0.62
CA LYS B 121 32.85 18.97 -0.15
C LYS B 121 31.81 19.43 -1.19
N LYS B 122 30.69 20.01 -0.74
CA LYS B 122 29.69 20.61 -1.63
C LYS B 122 28.97 21.78 -0.99
N SER B 123 28.45 22.68 -1.83
CA SER B 123 27.69 23.82 -1.31
C SER B 123 26.35 24.00 -2.00
N TYR B 124 25.33 24.36 -1.23
CA TYR B 124 24.03 24.72 -1.77
C TYR B 124 24.08 26.12 -2.36
N VAL B 125 23.26 26.33 -3.37
CA VAL B 125 23.29 27.55 -4.15
C VAL B 125 21.87 27.79 -4.66
N ASN B 126 21.45 29.06 -4.65
CA ASN B 126 20.08 29.43 -5.02
C ASN B 126 19.88 29.54 -6.53
N GLU B 127 18.74 30.10 -6.92
CA GLU B 127 18.35 30.24 -8.33
C GLU B 127 18.55 31.66 -8.86
N LYS B 128 19.79 31.97 -9.23
CA LYS B 128 20.87 31.01 -9.10
C LYS B 128 22.22 31.69 -8.83
N GLY B 129 23.11 30.94 -8.17
CA GLY B 129 24.49 31.35 -7.99
C GLY B 129 24.92 31.45 -6.54
N ASN B 130 24.10 32.11 -5.72
CA ASN B 130 24.54 32.53 -4.38
C ASN B 130 24.36 31.48 -3.29
N PRO B 131 25.35 31.39 -2.39
CA PRO B 131 25.34 30.37 -1.34
C PRO B 131 24.09 30.46 -0.46
N VAL B 132 23.55 29.29 -0.10
CA VAL B 132 22.49 29.16 0.90
C VAL B 132 22.91 28.12 1.93
N SER B 133 22.27 28.14 3.10
CA SER B 133 22.62 27.21 4.18
C SER B 133 21.67 26.01 4.22
N SER B 134 20.45 26.22 3.75
CA SER B 134 19.41 25.21 3.87
C SER B 134 18.98 24.63 2.52
N LEU B 135 18.80 23.32 2.51
CA LEU B 135 18.39 22.60 1.31
C LEU B 135 17.08 23.15 0.76
N LYS B 136 16.16 23.52 1.65
CA LYS B 136 14.90 24.08 1.20
C LYS B 136 15.10 25.31 0.32
N ASP B 137 16.21 26.03 0.52
CA ASP B 137 16.52 27.22 -0.31
C ASP B 137 17.38 26.87 -1.53
N ALA B 138 17.99 25.69 -1.53
CA ALA B 138 18.92 25.30 -2.59
C ALA B 138 18.21 25.01 -3.91
N HIS B 139 18.83 25.39 -5.02
CA HIS B 139 18.37 25.03 -6.35
C HIS B 139 19.40 24.12 -6.97
N LEU B 140 20.64 24.28 -6.53
CA LEU B 140 21.73 23.43 -6.96
C LEU B 140 22.67 23.10 -5.80
N ALA B 141 23.35 21.96 -5.93
CA ALA B 141 24.46 21.62 -5.07
C ALA B 141 25.68 21.48 -5.98
N ILE B 142 26.67 22.34 -5.77
CA ILE B 142 27.85 22.34 -6.61
C ILE B 142 29.04 22.18 -5.68
N ASN B 143 30.22 21.95 -6.24
CA ASN B 143 31.40 21.88 -5.38
C ASN B 143 32.35 23.06 -5.53
N LYS B 144 33.60 22.81 -5.15
CA LYS B 144 34.62 23.86 -4.99
C LYS B 144 35.14 24.41 -6.32
N ASP B 145 35.09 23.60 -7.38
CA ASP B 145 35.61 24.03 -8.67
C ASP B 145 34.51 24.22 -9.71
N GLN B 146 33.36 24.73 -9.23
CA GLN B 146 32.21 25.04 -10.08
C GLN B 146 31.55 26.30 -9.58
N GLU B 147 30.88 27.01 -10.49
CA GLU B 147 30.16 28.23 -10.12
C GLU B 147 28.97 28.45 -11.04
N VAL B 148 28.05 29.29 -10.58
CA VAL B 148 26.89 29.68 -11.37
C VAL B 148 27.01 31.15 -11.77
N VAL B 149 26.96 31.40 -13.07
CA VAL B 149 26.95 32.77 -13.60
C VAL B 149 25.58 33.08 -14.20
N GLU B 150 25.13 34.32 -14.06
CA GLU B 150 23.79 34.70 -14.49
C GLU B 150 23.79 35.72 -15.62
N HIS B 151 24.30 35.33 -16.78
CA HIS B 151 24.15 36.10 -18.02
C HIS B 151 22.64 36.30 -18.27
N GLU B 152 22.18 37.55 -18.18
CA GLU B 152 20.75 37.87 -18.29
C GLU B 152 19.86 36.95 -17.43
N GLY B 153 18.59 36.79 -17.81
CA GLY B 153 17.74 35.79 -17.20
C GLY B 153 18.01 34.42 -17.77
N GLN B 154 19.26 33.96 -17.63
CA GLN B 154 19.70 32.69 -18.19
C GLN B 154 20.96 32.22 -17.45
N PHE B 155 20.88 31.05 -16.84
CA PHE B 155 21.88 30.64 -15.85
C PHE B 155 22.82 29.56 -16.38
N TYR B 156 24.01 29.50 -15.81
CA TYR B 156 25.07 28.66 -16.38
C TYR B 156 25.93 28.01 -15.31
N LEU B 157 26.26 26.75 -15.54
CA LEU B 157 27.03 25.95 -14.59
C LEU B 157 28.34 25.47 -15.22
N LEU B 158 29.45 25.95 -14.67
CA LEU B 158 30.78 25.75 -15.28
C LEU B 158 31.88 25.55 -14.25
N GLN B 159 32.97 24.90 -14.66
CA GLN B 159 34.15 24.75 -13.82
C GLN B 159 34.71 26.13 -13.45
N LYS B 160 35.09 26.30 -12.18
CA LYS B 160 35.38 27.63 -11.63
C LYS B 160 36.43 28.45 -12.40
N GLY B 161 36.13 29.73 -12.61
CA GLY B 161 37.05 30.65 -13.27
C GLY B 161 36.99 30.66 -14.78
N GLN B 162 36.62 29.52 -15.37
CA GLN B 162 36.66 29.31 -16.81
C GLN B 162 35.63 30.10 -17.61
N TRP B 163 34.97 31.08 -17.00
CA TRP B 163 33.97 31.86 -17.71
C TRP B 163 34.47 32.49 -19.01
N ASP B 164 35.64 33.13 -18.96
CA ASP B 164 36.23 33.79 -20.13
C ASP B 164 36.51 32.81 -21.27
N ALA B 165 36.89 31.58 -20.92
CA ALA B 165 37.14 30.52 -21.89
C ALA B 165 35.82 29.94 -22.41
N ILE B 166 34.73 30.64 -22.08
CA ILE B 166 33.38 30.12 -22.27
C ILE B 166 32.45 31.11 -22.95
N LYS B 167 32.39 32.33 -22.42
CA LYS B 167 31.36 33.30 -22.82
C LYS B 167 31.40 33.70 -24.30
N ASN B 168 32.40 33.18 -25.01
CA ASN B 168 32.53 33.40 -26.45
C ASN B 168 32.43 32.11 -27.29
N ASN B 169 32.14 30.97 -26.64
CA ASN B 169 31.82 29.75 -27.36
C ASN B 169 30.43 29.23 -27.00
N PRO B 170 29.43 29.56 -27.83
CA PRO B 170 28.02 29.19 -27.64
C PRO B 170 27.83 27.69 -27.36
N ALA B 171 28.53 26.81 -28.07
CA ALA B 171 28.49 25.36 -27.78
C ALA B 171 28.68 25.07 -26.29
N ALA B 172 29.67 25.74 -25.71
CA ALA B 172 30.02 25.56 -24.31
C ALA B 172 29.14 26.41 -23.40
N LEU B 173 28.67 27.56 -23.91
CA LEU B 173 27.63 28.32 -23.23
C LEU B 173 26.42 27.41 -23.02
N GLU B 174 26.25 26.45 -23.93
CA GLU B 174 25.05 25.66 -24.06
C GLU B 174 25.07 24.45 -23.12
N LYS B 175 26.14 23.65 -23.20
CA LYS B 175 26.27 22.50 -22.32
C LYS B 175 26.34 22.93 -20.86
N ALA B 176 26.61 24.21 -20.62
CA ALA B 176 26.69 24.74 -19.25
C ALA B 176 25.37 25.32 -18.76
N GLN B 177 24.52 25.75 -19.71
CA GLN B 177 23.13 26.08 -19.38
C GLN B 177 22.32 24.77 -19.29
N LYS B 178 22.79 23.76 -20.02
CA LYS B 178 22.28 22.41 -19.90
C LYS B 178 22.71 21.76 -18.57
N ASP B 179 24.01 21.82 -18.27
CA ASP B 179 24.54 21.23 -17.04
C ASP B 179 23.77 21.82 -15.87
N TYR B 180 23.54 23.12 -15.93
CA TYR B 180 22.79 23.83 -14.90
C TYR B 180 21.42 23.18 -14.69
N SER B 181 20.68 22.99 -15.78
CA SER B 181 19.36 22.39 -15.70
C SER B 181 19.43 21.01 -15.06
N GLN B 182 20.30 20.16 -15.61
CA GLN B 182 20.43 18.79 -15.13
C GLN B 182 20.71 18.75 -13.63
N SER B 183 21.46 19.74 -13.15
CA SER B 183 21.80 19.83 -11.74
C SER B 183 20.59 20.24 -10.89
N LYS B 184 19.80 21.20 -11.37
CA LYS B 184 18.56 21.55 -10.66
C LYS B 184 17.67 20.30 -10.54
N HIS B 185 17.56 19.55 -11.64
CA HIS B 185 16.76 18.34 -11.69
C HIS B 185 17.21 17.31 -10.64
N ASP B 186 18.50 16.97 -10.67
CA ASP B 186 19.08 16.02 -9.74
C ASP B 186 18.83 16.41 -8.29
N LEU B 187 18.93 17.70 -8.00
CA LEU B 187 18.71 18.16 -6.64
C LEU B 187 17.26 17.91 -6.20
N ALA B 188 16.32 18.22 -7.10
CA ALA B 188 14.91 17.96 -6.85
C ALA B 188 14.67 16.47 -6.50
N THR B 189 15.28 15.56 -7.26
CA THR B 189 15.23 14.12 -6.96
C THR B 189 15.73 13.84 -5.54
N ILE B 190 16.90 14.37 -5.23
CA ILE B 190 17.53 14.22 -3.93
C ILE B 190 16.61 14.69 -2.81
N LYS B 191 15.93 15.82 -3.05
CA LYS B 191 15.02 16.37 -2.06
C LYS B 191 13.87 15.42 -1.76
N MET B 192 13.23 14.92 -2.82
CA MET B 192 12.10 14.00 -2.63
C MET B 192 12.52 12.74 -1.88
N GLU B 193 13.66 12.16 -2.25
CA GLU B 193 14.18 10.95 -1.56
C GLU B 193 14.51 11.25 -0.10
N ALA B 194 15.06 12.44 0.16
CA ALA B 194 15.39 12.90 1.52
C ALA B 194 14.13 13.01 2.36
N LEU B 195 13.10 13.60 1.77
CA LEU B 195 11.78 13.70 2.41
C LEU B 195 11.26 12.31 2.73
N ILE B 196 11.34 11.42 1.75
CA ILE B 196 10.90 10.04 1.94
C ILE B 196 11.66 9.38 3.08
N HIS B 197 12.99 9.51 3.08
CA HIS B 197 13.78 8.90 4.15
C HIS B 197 13.39 9.49 5.50
N LYS B 198 13.22 10.81 5.55
CA LYS B 198 12.89 11.50 6.80
C LYS B 198 11.55 11.02 7.33
N LEU B 199 10.55 10.99 6.45
CA LEU B 199 9.22 10.52 6.81
C LEU B 199 9.24 9.07 7.27
N SER B 200 10.05 8.24 6.60
CA SER B 200 10.16 6.80 6.96
C SER B 200 10.64 6.61 8.38
N LEU B 201 11.70 7.36 8.73
CA LEU B 201 12.32 7.26 10.06
C LEU B 201 11.30 7.65 11.12
N GLU B 202 10.61 8.75 10.87
CA GLU B 202 9.59 9.23 11.77
C GLU B 202 8.52 8.14 11.96
N MET B 203 8.06 7.55 10.85
CA MET B 203 7.01 6.53 10.93
C MET B 203 7.51 5.30 11.72
N GLU B 204 8.72 4.83 11.41
CA GLU B 204 9.22 3.65 12.10
C GLU B 204 9.26 3.87 13.62
N LYS B 205 9.55 5.09 14.03
CA LYS B 205 9.65 5.37 15.46
C LYS B 205 8.31 5.20 16.18
N GLN B 206 7.22 5.58 15.52
CA GLN B 206 5.89 5.50 16.11
C GLN B 206 5.45 4.06 16.43
N LEU B 207 6.18 3.10 15.88
CA LEU B 207 5.81 1.69 15.98
C LEU B 207 5.88 1.20 17.44
N GLU B 208 7.03 1.45 18.07
CA GLU B 208 7.22 1.09 19.47
C GLU B 208 6.07 1.65 20.29
N THR B 209 5.82 2.95 20.09
CA THR B 209 4.78 3.64 20.81
C THR B 209 3.41 2.99 20.60
N ILE B 210 3.02 2.81 19.33
CA ILE B 210 1.69 2.26 18.98
C ILE B 210 1.45 0.92 19.67
N ASN B 211 2.48 0.08 19.62
CA ASN B 211 2.53 -1.19 20.33
C ASN B 211 2.16 -1.11 21.81
N ASN B 212 2.85 -0.20 22.52
CA ASN B 212 2.62 0.01 23.95
C ASN B 212 1.16 0.32 24.24
N LEU B 213 0.61 1.29 23.50
CA LEU B 213 -0.75 1.74 23.76
C LEU B 213 -1.76 0.61 23.56
N ILE B 214 -1.34 -0.41 22.81
CA ILE B 214 -2.20 -1.54 22.47
C ILE B 214 -2.23 -2.52 23.63
N MET B 215 -1.04 -2.96 24.03
CA MET B 215 -0.85 -3.71 25.26
C MET B 215 -1.49 -3.07 26.52
N SER B 216 -1.23 -1.79 26.75
CA SER B 216 -1.85 -1.07 27.87
C SER B 216 -3.29 -1.52 28.13
N THR B 217 -3.52 -2.03 29.33
CA THR B 217 -4.84 -2.43 29.78
C THR B 217 -5.84 -1.25 29.87
N ASP B 218 -5.35 -0.03 30.10
CA ASP B 218 -6.27 1.11 30.20
C ASP B 218 -6.98 1.36 28.86
N PRO B 219 -8.31 1.15 28.82
CA PRO B 219 -9.05 1.32 27.56
C PRO B 219 -8.84 2.71 26.98
N LYS B 220 -8.58 3.68 27.86
CA LYS B 220 -8.36 5.04 27.40
C LYS B 220 -7.07 5.12 26.56
N GLU B 221 -6.09 4.27 26.92
CA GLU B 221 -4.80 4.23 26.24
C GLU B 221 -4.93 3.46 24.94
N ASN B 222 -5.63 2.32 25.02
CA ASN B 222 -5.98 1.48 23.88
C ASN B 222 -6.54 2.29 22.71
N GLU B 223 -7.54 3.12 23.00
CA GLU B 223 -8.13 3.97 21.97
C GLU B 223 -7.12 5.01 21.46
N GLU B 224 -6.05 5.25 22.23
CA GLU B 224 -5.04 6.21 21.82
C GLU B 224 -4.11 5.65 20.75
N ALA B 225 -3.95 4.33 20.75
CA ALA B 225 -3.21 3.66 19.69
C ALA B 225 -3.90 3.88 18.35
N THR B 226 -5.23 4.01 18.36
CA THR B 226 -5.92 4.15 17.09
C THR B 226 -5.74 5.57 16.57
N LYS B 227 -5.89 6.54 17.47
CA LYS B 227 -5.54 7.93 17.17
C LYS B 227 -4.15 8.01 16.54
N LEU B 228 -3.18 7.31 17.13
CA LEU B 228 -1.80 7.32 16.65
C LEU B 228 -1.62 6.61 15.31
N LEU B 229 -2.39 5.56 15.07
CA LEU B 229 -2.31 4.84 13.80
C LEU B 229 -2.70 5.77 12.66
N HIS B 230 -3.76 6.54 12.90
CA HIS B 230 -4.19 7.55 11.94
C HIS B 230 -3.07 8.50 11.59
N LYS B 231 -2.31 8.95 12.58
CA LYS B 231 -1.18 9.87 12.33
C LYS B 231 -0.10 9.17 11.49
N HIS B 232 0.26 7.97 11.94
CA HIS B 232 1.15 7.08 11.20
C HIS B 232 0.70 7.00 9.75
N ASN B 233 -0.56 6.64 9.54
CA ASN B 233 -1.05 6.52 8.17
C ASN B 233 -1.11 7.85 7.39
N GLY B 234 -1.37 8.94 8.11
CA GLY B 234 -1.30 10.26 7.52
C GLY B 234 0.07 10.50 6.91
N LEU B 235 1.12 10.23 7.68
CA LEU B 235 2.48 10.26 7.16
C LEU B 235 2.62 9.34 5.91
N ASN B 236 1.94 8.20 5.91
CA ASN B 236 2.00 7.33 4.74
C ASN B 236 1.37 7.95 3.49
N LEU B 237 0.32 8.75 3.68
CA LEU B 237 -0.27 9.53 2.60
C LEU B 237 0.77 10.48 2.01
N LYS B 238 1.59 11.07 2.87
CA LYS B 238 2.63 11.97 2.39
C LYS B 238 3.67 11.18 1.59
N LEU B 239 4.03 9.99 2.08
CA LEU B 239 5.02 9.19 1.36
C LEU B 239 4.51 8.82 -0.03
N ALA B 240 3.22 8.47 -0.08
CA ALA B 240 2.58 8.06 -1.31
C ALA B 240 2.63 9.21 -2.31
N ASN B 241 2.28 10.41 -1.88
CA ASN B 241 2.42 11.58 -2.76
C ASN B 241 3.84 11.73 -3.31
N LEU B 242 4.81 11.49 -2.45
CA LEU B 242 6.18 11.69 -2.88
C LEU B 242 6.58 10.67 -3.93
N GLN B 243 6.20 9.40 -3.71
CA GLN B 243 6.51 8.34 -4.68
C GLN B 243 5.88 8.69 -5.99
N ASP B 244 4.63 9.15 -5.93
CA ASP B 244 3.93 9.57 -7.14
C ASP B 244 4.65 10.75 -7.81
N MET B 245 5.07 11.73 -7.02
CA MET B 245 5.86 12.83 -7.56
C MET B 245 7.17 12.37 -8.20
N LEU B 246 8.00 11.69 -7.43
CA LEU B 246 9.22 11.07 -7.99
C LEU B 246 8.99 10.33 -9.31
N ALA B 247 7.95 9.51 -9.35
CA ALA B 247 7.68 8.72 -10.54
C ALA B 247 7.38 9.63 -11.72
N VAL B 248 6.57 10.66 -11.50
CA VAL B 248 6.28 11.61 -12.57
C VAL B 248 7.53 12.40 -12.97
N HIS B 249 8.23 12.90 -11.95
CA HIS B 249 9.51 13.57 -12.11
C HIS B 249 10.49 12.73 -12.97
N ARG B 250 10.51 11.42 -12.76
CA ARG B 250 11.38 10.56 -13.54
C ARG B 250 10.76 10.12 -14.83
N LYS B 251 9.59 10.67 -15.16
CA LYS B 251 8.92 10.34 -16.42
C LYS B 251 8.59 8.86 -16.51
N GLU B 252 8.42 8.22 -15.36
CA GLU B 252 7.82 6.88 -15.33
C GLU B 252 6.28 7.02 -15.32
N LYS B 253 5.78 8.15 -14.82
CA LYS B 253 4.33 8.38 -14.70
C LYS B 253 3.88 9.77 -15.11
N SER B 254 2.56 9.93 -15.22
CA SER B 254 1.95 11.17 -15.67
C SER B 254 0.77 11.57 -14.79
N PHE B 255 0.68 12.85 -14.48
CA PHE B 255 -0.47 13.40 -13.77
C PHE B 255 -1.54 13.78 -14.78
N PHE B 256 -2.81 13.57 -14.42
CA PHE B 256 -3.93 14.04 -15.22
C PHE B 256 -4.98 14.70 -14.34
N ASN B 257 -5.62 15.75 -14.86
CA ASN B 257 -6.64 16.43 -14.07
C ASN B 257 -8.01 15.71 -14.11
N GLU B 258 -8.99 16.32 -13.45
CA GLU B 258 -10.33 15.75 -13.41
C GLU B 258 -10.85 15.28 -14.77
N LYS B 259 -10.49 15.96 -15.85
CA LYS B 259 -11.05 15.66 -17.17
C LYS B 259 -10.11 14.88 -18.06
N GLY B 260 -9.09 14.27 -17.45
CA GLY B 260 -8.19 13.42 -18.22
C GLY B 260 -7.28 14.19 -19.14
N GLU B 261 -7.07 15.48 -18.86
CA GLU B 261 -6.03 16.28 -19.51
C GLU B 261 -4.69 16.11 -18.76
N GLU B 262 -3.59 15.92 -19.50
CA GLU B 262 -2.32 15.77 -18.83
C GLU B 262 -1.84 17.11 -18.27
N VAL B 263 -1.21 17.02 -17.12
CA VAL B 263 -1.02 18.14 -16.23
C VAL B 263 0.37 17.92 -15.64
N THR B 264 1.03 18.99 -15.19
CA THR B 264 2.44 18.84 -14.82
C THR B 264 2.65 18.65 -13.33
N SER B 265 1.69 19.14 -12.55
CA SER B 265 1.87 19.27 -11.10
C SER B 265 0.84 18.46 -10.31
N LEU B 266 1.30 17.88 -9.19
CA LEU B 266 0.44 17.13 -8.29
C LEU B 266 -0.87 17.87 -7.98
N ASN B 267 -0.72 19.13 -7.60
CA ASN B 267 -1.84 19.97 -7.19
C ASN B 267 -3.00 20.06 -8.17
N ASP B 268 -2.74 19.82 -9.45
CA ASP B 268 -3.80 19.92 -10.44
C ASP B 268 -4.31 18.55 -10.79
N ALA B 269 -3.62 17.54 -10.26
CA ALA B 269 -3.86 16.15 -10.63
C ALA B 269 -5.01 15.52 -9.86
N HIS B 270 -5.79 14.70 -10.58
CA HIS B 270 -6.80 13.84 -9.97
C HIS B 270 -6.39 12.40 -10.24
N TYR B 271 -5.56 12.19 -11.26
CA TYR B 271 -5.09 10.84 -11.57
C TYR B 271 -3.58 10.77 -11.73
N VAL B 272 -3.02 9.58 -11.50
CA VAL B 272 -1.61 9.35 -11.76
C VAL B 272 -1.41 7.94 -12.30
N ILE B 273 -0.89 7.87 -13.52
CA ILE B 273 -0.84 6.62 -14.26
C ILE B 273 0.50 6.46 -15.01
N GLY B 274 0.74 5.28 -15.56
CA GLY B 274 1.99 4.99 -16.24
C GLY B 274 2.21 5.94 -17.40
N LYS B 275 3.49 6.14 -17.75
CA LYS B 275 3.85 7.01 -18.86
C LYS B 275 3.19 6.54 -20.16
N ASP B 276 3.04 5.24 -20.33
CA ASP B 276 2.48 4.73 -21.59
C ASP B 276 1.01 4.40 -21.52
N GLN B 277 0.32 4.97 -20.54
CA GLN B 277 -1.10 4.70 -20.34
C GLN B 277 -1.98 5.90 -20.65
N GLN B 278 -3.25 5.61 -20.84
CA GLN B 278 -4.25 6.65 -21.01
C GLN B 278 -5.40 6.40 -20.05
N LEU B 279 -6.19 7.44 -19.85
CA LEU B 279 -7.40 7.34 -19.07
C LEU B 279 -8.59 7.12 -20.01
N PHE B 280 -9.07 5.88 -20.06
CA PHE B 280 -10.23 5.54 -20.86
C PHE B 280 -11.54 5.67 -20.04
N ASN B 281 -12.53 6.36 -20.62
CA ASN B 281 -13.83 6.54 -19.96
C ASN B 281 -14.82 5.43 -20.29
N LEU B 282 -15.41 4.85 -19.25
CA LEU B 282 -16.57 3.98 -19.40
C LEU B 282 -17.77 4.63 -18.75
N GLY B 283 -18.39 5.57 -19.46
CA GLY B 283 -19.51 6.35 -18.94
C GLY B 283 -19.34 6.76 -17.49
N GLY B 284 -18.52 7.79 -17.25
CA GLY B 284 -18.38 8.37 -15.93
C GLY B 284 -17.35 7.72 -15.00
N LYS B 285 -16.42 6.96 -15.59
CA LYS B 285 -15.35 6.37 -14.80
C LYS B 285 -14.11 6.14 -15.69
N PHE B 286 -12.94 6.47 -15.15
CA PHE B 286 -11.71 6.37 -15.90
C PHE B 286 -10.98 5.07 -15.60
N TYR B 287 -10.56 4.38 -16.64
CA TYR B 287 -9.71 3.21 -16.48
C TYR B 287 -8.34 3.44 -17.08
N PRO B 288 -7.29 3.08 -16.32
CA PRO B 288 -5.95 3.23 -16.89
C PRO B 288 -5.69 2.07 -17.82
N ILE B 289 -5.55 2.33 -19.11
CA ILE B 289 -5.13 1.28 -20.06
C ILE B 289 -3.93 1.74 -20.89
N HIS B 290 -3.41 0.84 -21.71
CA HIS B 290 -2.30 1.23 -22.59
C HIS B 290 -2.78 2.29 -23.59
N LYS B 291 -1.82 3.04 -24.14
CA LYS B 291 -2.16 4.12 -25.06
C LYS B 291 -2.70 3.57 -26.37
N GLU B 292 -2.29 2.35 -26.72
CA GLU B 292 -2.79 1.76 -27.95
C GLU B 292 -3.75 0.60 -27.69
N GLN B 293 -4.51 0.74 -26.60
CA GLN B 293 -5.60 -0.17 -26.32
C GLN B 293 -6.88 0.62 -26.33
N LYS B 294 -7.99 -0.10 -26.40
CA LYS B 294 -9.29 0.50 -26.12
C LYS B 294 -10.18 -0.53 -25.46
N ILE B 295 -11.28 -0.06 -24.89
CA ILE B 295 -12.29 -0.96 -24.36
C ILE B 295 -13.54 -0.93 -25.24
N LEU B 296 -13.91 -2.10 -25.75
CA LEU B 296 -15.12 -2.26 -26.55
C LEU B 296 -16.22 -2.91 -25.70
N GLU B 297 -17.42 -2.33 -25.69
CA GLU B 297 -18.59 -3.00 -25.10
C GLU B 297 -19.48 -3.60 -26.17
N LYS B 298 -19.91 -4.84 -25.97
CA LYS B 298 -20.91 -5.46 -26.86
C LYS B 298 -21.79 -6.46 -26.10
N ASP B 299 -23.10 -6.24 -26.15
CA ASP B 299 -24.08 -7.13 -25.52
C ASP B 299 -23.81 -7.36 -24.03
N GLY B 300 -23.47 -6.28 -23.33
CA GLY B 300 -23.21 -6.32 -21.90
C GLY B 300 -21.88 -6.95 -21.55
N LYS B 301 -21.04 -7.22 -22.56
CA LYS B 301 -19.69 -7.72 -22.32
C LYS B 301 -18.64 -6.61 -22.55
N PHE B 302 -17.47 -6.76 -21.92
CA PHE B 302 -16.41 -5.77 -22.06
C PHE B 302 -15.08 -6.38 -22.47
N TYR B 303 -14.42 -5.74 -23.44
CA TYR B 303 -13.20 -6.29 -24.00
C TYR B 303 -12.06 -5.28 -24.05
N LEU B 304 -10.91 -5.69 -23.52
CA LEU B 304 -9.67 -4.94 -23.67
C LEU B 304 -8.94 -5.44 -24.92
N LEU B 305 -8.78 -4.57 -25.91
CA LEU B 305 -8.19 -4.94 -27.19
C LEU B 305 -7.15 -3.92 -27.63
N LYS B 306 -6.25 -4.32 -28.54
CA LYS B 306 -5.45 -3.35 -29.30
C LYS B 306 -6.42 -2.42 -30.04
N GLN B 307 -6.01 -1.18 -30.25
CA GLN B 307 -6.92 -0.20 -30.83
C GLN B 307 -7.27 -0.53 -32.29
N GLY B 308 -6.46 -1.39 -32.90
CA GLY B 308 -6.76 -1.92 -34.21
C GLY B 308 -8.02 -2.78 -34.21
N GLU B 309 -8.01 -3.78 -33.34
CA GLU B 309 -9.09 -4.74 -33.23
C GLU B 309 -10.47 -4.09 -33.07
N ASP B 310 -11.49 -4.84 -33.50
CA ASP B 310 -12.89 -4.55 -33.21
C ASP B 310 -13.62 -5.89 -33.17
N TRP B 311 -14.94 -5.87 -33.24
CA TRP B 311 -15.70 -7.10 -33.06
C TRP B 311 -15.31 -8.14 -34.12
N GLU B 312 -15.24 -7.70 -35.37
CA GLU B 312 -14.88 -8.57 -36.49
C GLU B 312 -13.59 -9.33 -36.23
N SER B 313 -12.61 -8.64 -35.66
CA SER B 313 -11.30 -9.18 -35.35
C SER B 313 -11.33 -10.44 -34.46
N ILE B 314 -12.40 -10.59 -33.69
CA ILE B 314 -12.44 -11.63 -32.66
C ILE B 314 -13.76 -12.40 -32.65
N LYS B 315 -14.75 -11.88 -33.38
CA LYS B 315 -16.11 -12.44 -33.40
C LYS B 315 -16.13 -13.93 -33.74
N ASP B 316 -15.12 -14.40 -34.45
CA ASP B 316 -15.07 -15.81 -34.80
C ASP B 316 -14.02 -16.56 -33.97
N SER B 317 -13.26 -15.79 -33.18
CA SER B 317 -12.33 -16.35 -32.21
C SER B 317 -12.89 -16.26 -30.79
N PRO B 318 -13.06 -17.42 -30.13
CA PRO B 318 -13.64 -17.48 -28.79
C PRO B 318 -12.59 -17.19 -27.74
N GLU B 319 -11.39 -17.72 -27.95
CA GLU B 319 -10.32 -17.58 -26.96
C GLU B 319 -9.72 -16.17 -26.97
N LYS B 320 -9.79 -15.47 -28.10
CA LYS B 320 -9.47 -14.06 -28.13
C LYS B 320 -10.41 -13.36 -27.17
N GLN B 321 -11.71 -13.57 -27.40
CA GLN B 321 -12.75 -12.91 -26.62
C GLN B 321 -12.56 -13.08 -25.11
N LYS B 322 -12.15 -14.27 -24.71
CA LYS B 322 -12.01 -14.56 -23.29
C LYS B 322 -10.76 -13.92 -22.73
N LYS B 323 -9.72 -13.84 -23.56
CA LYS B 323 -8.51 -13.13 -23.19
C LYS B 323 -8.81 -11.65 -22.97
N ALA B 324 -9.56 -11.06 -23.90
CA ALA B 324 -9.89 -9.64 -23.83
C ALA B 324 -10.86 -9.33 -22.68
N GLU B 325 -11.51 -10.36 -22.16
CA GLU B 325 -12.42 -10.20 -21.03
C GLU B 325 -11.67 -10.31 -19.71
N HIS B 326 -10.69 -11.21 -19.64
CA HIS B 326 -9.83 -11.32 -18.47
C HIS B 326 -8.95 -10.08 -18.37
N ASP B 327 -8.51 -9.59 -19.52
CA ASP B 327 -7.69 -8.39 -19.57
C ASP B 327 -8.48 -7.21 -19.02
N PHE B 328 -9.75 -7.12 -19.42
CA PHE B 328 -10.59 -6.07 -18.88
C PHE B 328 -10.86 -6.25 -17.38
N HIS B 329 -11.03 -7.51 -16.97
CA HIS B 329 -11.34 -7.84 -15.59
C HIS B 329 -10.20 -7.45 -14.64
N LYS B 330 -8.96 -7.48 -15.12
CA LYS B 330 -7.80 -7.07 -14.31
C LYS B 330 -7.84 -5.58 -13.93
N LEU B 331 -8.43 -4.77 -14.80
CA LEU B 331 -8.67 -3.36 -14.53
C LEU B 331 -9.50 -3.09 -13.27
N GLN B 332 -10.43 -3.99 -12.96
CA GLN B 332 -11.49 -3.74 -11.98
C GLN B 332 -11.08 -3.00 -10.70
N TYR B 333 -9.98 -3.43 -10.10
CA TYR B 333 -9.58 -2.83 -8.82
C TYR B 333 -8.31 -1.99 -8.93
N GLU B 334 -8.06 -1.49 -10.13
CA GLU B 334 -7.00 -0.52 -10.33
C GLU B 334 -7.39 0.79 -9.63
N THR B 335 -6.42 1.50 -9.06
CA THR B 335 -6.72 2.79 -8.44
C THR B 335 -5.86 3.89 -9.06
N PRO B 336 -6.28 4.34 -10.25
CA PRO B 336 -5.52 5.35 -10.99
C PRO B 336 -5.58 6.71 -10.29
N MET B 337 -6.41 6.80 -9.26
CA MET B 337 -6.59 8.07 -8.61
C MET B 337 -5.34 8.53 -7.86
N THR B 338 -5.32 9.82 -7.65
CA THR B 338 -4.31 10.50 -6.90
C THR B 338 -4.61 10.22 -5.42
N VAL B 339 -3.60 10.33 -4.57
CA VAL B 339 -3.77 10.01 -3.16
C VAL B 339 -4.90 10.80 -2.53
N LYS B 340 -4.87 12.11 -2.71
CA LYS B 340 -5.87 12.99 -2.14
C LYS B 340 -7.27 12.59 -2.62
N LYS B 341 -7.39 12.36 -3.92
CA LYS B 341 -8.67 11.99 -4.52
C LYS B 341 -9.14 10.67 -3.92
N LEU B 342 -8.23 9.69 -3.86
CA LEU B 342 -8.57 8.37 -3.29
C LEU B 342 -9.13 8.53 -1.88
N VAL B 343 -8.49 9.40 -1.10
CA VAL B 343 -8.94 9.60 0.27
C VAL B 343 -10.34 10.17 0.36
N HIS B 344 -10.69 11.01 -0.60
CA HIS B 344 -12.01 11.63 -0.62
C HIS B 344 -13.05 10.60 -1.09
N HIS B 345 -12.71 9.87 -2.14
CA HIS B 345 -13.46 8.71 -2.61
C HIS B 345 -13.77 7.67 -1.50
N ASN B 346 -12.71 7.16 -0.85
CA ASN B 346 -12.87 6.23 0.25
C ASN B 346 -13.75 6.80 1.37
N LYS B 347 -13.59 8.08 1.64
CA LYS B 347 -14.38 8.74 2.70
C LYS B 347 -15.88 8.67 2.40
N GLY B 348 -16.26 8.96 1.16
CA GLY B 348 -17.66 8.86 0.76
C GLY B 348 -18.18 7.43 0.90
N LEU B 349 -17.38 6.48 0.45
CA LEU B 349 -17.75 5.08 0.48
C LEU B 349 -17.97 4.58 1.93
N GLU B 350 -17.02 4.90 2.81
CA GLU B 350 -17.12 4.52 4.22
C GLU B 350 -18.24 5.24 4.98
N THR B 351 -18.44 6.52 4.69
CA THR B 351 -19.53 7.32 5.29
C THR B 351 -20.91 6.77 4.90
N THR B 352 -21.05 6.44 3.62
CA THR B 352 -22.27 5.80 3.11
C THR B 352 -22.53 4.51 3.86
N ILE B 353 -21.54 3.62 3.85
CA ILE B 353 -21.69 2.28 4.38
C ILE B 353 -21.91 2.26 5.88
N HIS B 354 -21.31 3.21 6.59
CA HIS B 354 -21.51 3.30 8.02
C HIS B 354 -22.99 3.43 8.37
N LYS B 355 -23.69 4.34 7.69
CA LYS B 355 -25.12 4.52 7.97
C LYS B 355 -25.94 3.31 7.51
N GLU B 356 -25.49 2.67 6.44
CA GLU B 356 -26.10 1.42 5.95
C GLU B 356 -25.87 0.27 6.94
N ARG B 357 -25.09 0.55 7.97
CA ARG B 357 -24.92 -0.36 9.09
C ARG B 357 -25.55 0.22 10.36
N VAL B 358 -25.80 1.53 10.35
CA VAL B 358 -26.55 2.16 11.43
C VAL B 358 -27.97 1.62 11.46
N GLU B 359 -28.62 1.61 10.30
CA GLU B 359 -30.04 1.25 10.21
C GLU B 359 -30.29 -0.24 10.32
N GLU B 360 -29.55 -1.02 9.52
CA GLU B 360 -29.69 -2.48 9.51
C GLU B 360 -29.55 -3.09 10.89
N THR B 361 -28.58 -2.61 11.67
CA THR B 361 -28.40 -3.07 13.05
C THR B 361 -29.52 -2.55 13.96
N LYS B 362 -29.97 -1.31 13.72
CA LYS B 362 -31.09 -0.71 14.46
C LYS B 362 -32.39 -1.50 14.28
N GLN B 363 -32.64 -1.95 13.04
CA GLN B 363 -33.73 -2.85 12.75
C GLN B 363 -33.48 -4.19 13.45
N GLN B 364 -32.27 -4.73 13.28
CA GLN B 364 -31.87 -6.00 13.90
C GLN B 364 -32.09 -6.03 15.43
N LEU B 365 -32.08 -4.85 16.06
CA LEU B 365 -32.41 -4.77 17.48
C LEU B 365 -33.94 -4.68 17.65
N GLU B 366 -34.57 -3.84 16.84
CA GLU B 366 -36.03 -3.69 16.85
C GLU B 366 -36.74 -5.04 16.68
N ASP B 367 -36.22 -5.86 15.75
CA ASP B 367 -36.73 -7.21 15.50
C ASP B 367 -36.54 -8.14 16.71
N ASN B 368 -35.38 -8.02 17.35
CA ASN B 368 -35.00 -8.90 18.44
C ASN B 368 -35.68 -8.55 19.76
N GLY B 369 -36.41 -7.43 19.77
CA GLY B 369 -37.23 -7.05 20.90
C GLY B 369 -38.69 -7.32 20.61
N LYS B 370 -39.05 -7.22 19.33
CA LYS B 370 -40.30 -7.80 18.85
C LYS B 370 -40.28 -9.30 19.10
N GLU B 371 -39.15 -9.92 18.77
CA GLU B 371 -38.92 -11.34 19.01
C GLU B 371 -39.10 -11.72 20.49
N LYS B 372 -38.80 -10.77 21.38
CA LYS B 372 -38.95 -10.97 22.81
C LYS B 372 -40.41 -11.14 23.24
N ILE B 373 -41.32 -10.46 22.55
CA ILE B 373 -42.77 -10.52 22.85
C ILE B 373 -43.41 -11.87 22.45
N GLU B 374 -42.61 -12.75 21.85
CA GLU B 374 -43.10 -14.07 21.43
C GLU B 374 -42.63 -15.19 22.33
N ILE B 375 -41.34 -15.17 22.67
CA ILE B 375 -40.76 -16.24 23.48
C ILE B 375 -41.03 -15.98 24.97
N ALA B 376 -41.30 -14.73 25.32
CA ALA B 376 -41.85 -14.40 26.63
C ALA B 376 -43.30 -14.89 26.71
N ASN B 377 -44.05 -14.60 25.64
CA ASN B 377 -45.43 -15.08 25.44
C ASN B 377 -45.61 -16.60 25.59
N ASN B 378 -44.82 -17.38 24.85
CA ASN B 378 -44.93 -18.84 24.87
C ASN B 378 -44.54 -19.46 26.21
N ILE B 379 -43.42 -19.00 26.78
CA ILE B 379 -42.91 -19.51 28.07
C ILE B 379 -43.82 -19.21 29.26
N SER B 380 -44.52 -18.08 29.23
CA SER B 380 -45.53 -17.78 30.26
C SER B 380 -46.81 -18.61 30.04
N LYS B 381 -46.63 -19.74 29.34
CA LYS B 381 -47.68 -20.75 29.15
C LYS B 381 -47.13 -22.13 29.47
#